data_3EDG
#
_entry.id   3EDG
#
_cell.length_a   55.432
_cell.length_b   57.260
_cell.length_c   68.800
_cell.angle_alpha   90.000
_cell.angle_beta   90.000
_cell.angle_gamma   90.000
#
_symmetry.space_group_name_H-M   'P 21 21 21'
#
loop_
_entity.id
_entity.type
_entity.pdbx_description
1 polymer 'Bone morphogenetic protein 1'
2 non-polymer 'ACETYL GROUP'
3 non-polymer 'ZINC ION'
4 water water
#
_entity_poly.entity_id   1
_entity_poly.type   'polypeptide(L)'
_entity_poly.pdbx_seq_one_letter_code
;MAATSRPERVWPDGVIPFVIGGNFTGSQRAVFRQAMRHWEKHTCVTFLERTDEDSYIVFTYRPCGCCSYVGRRGGGPQAI
SIGKNCDKFGIVVHELGHVVGFWHEHTRPDRDRHVSIVRENIQPGQEYNFLKMEPQEVESLGETYDFDSIMHYARNTFSR
GIFLDTIVPKYEVNGVKPPIGQRTRLSKGDIAQARKLYKCPA
;
_entity_poly.pdbx_strand_id   A
#
loop_
_chem_comp.id
_chem_comp.type
_chem_comp.name
_chem_comp.formula
ACE non-polymer 'ACETYL GROUP' 'C2 H4 O'
ZN non-polymer 'ZINC ION' 'Zn 2'
#
# COMPACT_ATOMS: atom_id res chain seq x y z
N ALA A 2 7.44 4.38 2.45
CA ALA A 2 7.90 4.59 1.06
C ALA A 2 6.88 5.45 0.28
N ALA A 3 6.68 6.68 0.75
CA ALA A 3 5.75 7.62 0.12
C ALA A 3 6.39 8.13 -1.16
N THR A 4 5.60 8.16 -2.24
CA THR A 4 6.11 8.70 -3.49
C THR A 4 6.56 10.15 -3.33
N SER A 5 7.69 10.46 -3.99
CA SER A 5 8.20 11.83 -4.06
C SER A 5 7.61 12.61 -5.22
N ARG A 6 6.84 11.96 -6.07
CA ARG A 6 6.43 12.57 -7.34
C ARG A 6 5.14 13.34 -7.16
N PRO A 7 5.18 14.68 -7.26
CA PRO A 7 3.95 15.44 -6.89
C PRO A 7 2.75 15.10 -7.74
N GLU A 8 2.96 14.71 -8.98
CA GLU A 8 1.82 14.45 -9.86
C GLU A 8 1.08 13.16 -9.47
N ARG A 9 1.72 12.31 -8.65
CA ARG A 9 1.08 11.09 -8.18
C ARG A 9 0.15 11.30 -7.00
N VAL A 10 0.14 12.49 -6.43
CA VAL A 10 -0.73 12.81 -5.30
C VAL A 10 -2.09 13.20 -5.85
N TRP A 11 -3.14 12.49 -5.47
CA TRP A 11 -4.46 12.81 -6.02
C TRP A 11 -4.87 14.24 -5.61
N PRO A 12 -5.45 15.01 -6.55
N PRO A 12 -5.15 15.13 -6.59
CA PRO A 12 -5.70 16.43 -6.32
CA PRO A 12 -5.41 16.51 -6.20
C PRO A 12 -6.67 16.65 -5.15
C PRO A 12 -6.55 16.65 -5.19
N ASP A 13 -6.25 17.44 -4.16
CA ASP A 13 -7.12 17.70 -3.00
C ASP A 13 -7.52 16.43 -2.25
N GLY A 14 -6.77 15.34 -2.47
CA GLY A 14 -7.08 14.05 -1.82
C GLY A 14 -8.29 13.35 -2.35
N VAL A 15 -8.86 13.85 -3.46
CA VAL A 15 -10.10 13.28 -4.01
C VAL A 15 -9.76 12.13 -4.96
N ILE A 16 -10.29 10.96 -4.65
CA ILE A 16 -10.03 9.75 -5.44
C ILE A 16 -11.36 9.21 -5.97
N PRO A 17 -11.68 9.53 -7.23
CA PRO A 17 -12.92 8.97 -7.79
C PRO A 17 -12.78 7.46 -7.99
N PHE A 18 -13.89 6.74 -7.86
CA PHE A 18 -13.83 5.27 -7.97
C PHE A 18 -15.05 4.71 -8.68
N VAL A 19 -14.83 3.53 -9.25
CA VAL A 19 -15.87 2.67 -9.79
C VAL A 19 -15.69 1.30 -9.15
N ILE A 20 -16.77 0.64 -8.77
CA ILE A 20 -16.72 -0.78 -8.38
C ILE A 20 -17.20 -1.57 -9.60
N GLY A 21 -16.34 -2.46 -10.10
CA GLY A 21 -16.65 -3.27 -11.27
C GLY A 21 -17.71 -4.32 -11.01
N GLY A 22 -18.03 -5.06 -12.07
CA GLY A 22 -19.00 -6.13 -11.95
C GLY A 22 -18.41 -7.39 -11.36
N ASN A 23 -19.28 -8.36 -11.10
CA ASN A 23 -18.90 -9.71 -10.72
C ASN A 23 -18.53 -9.89 -9.26
N PHE A 24 -18.82 -8.89 -8.41
CA PHE A 24 -18.56 -9.03 -6.98
C PHE A 24 -19.86 -9.36 -6.25
N THR A 25 -19.73 -9.96 -5.07
CA THR A 25 -20.89 -10.18 -4.23
C THR A 25 -21.18 -8.91 -3.43
N GLY A 26 -22.38 -8.81 -2.88
CA GLY A 26 -22.72 -7.70 -2.01
C GLY A 26 -21.76 -7.58 -0.82
N SER A 27 -21.35 -8.72 -0.26
CA SER A 27 -20.40 -8.68 0.87
C SER A 27 -19.05 -8.13 0.42
N GLN A 28 -18.59 -8.53 -0.76
CA GLN A 28 -17.32 -8.00 -1.25
C GLN A 28 -17.37 -6.50 -1.48
N ARG A 29 -18.46 -6.03 -2.08
CA ARG A 29 -18.61 -4.60 -2.28
C ARG A 29 -18.65 -3.83 -0.96
N ALA A 30 -19.29 -4.40 0.06
CA ALA A 30 -19.35 -3.76 1.35
C ALA A 30 -17.95 -3.65 1.95
N VAL A 31 -17.11 -4.67 1.73
CA VAL A 31 -15.72 -4.62 2.22
C VAL A 31 -14.97 -3.46 1.51
N PHE A 32 -15.17 -3.30 0.22
CA PHE A 32 -14.47 -2.19 -0.48
C PHE A 32 -14.86 -0.88 0.14
N ARG A 33 -16.15 -0.72 0.43
CA ARG A 33 -16.61 0.53 1.02
C ARG A 33 -16.06 0.70 2.45
N GLN A 34 -15.97 -0.39 3.20
CA GLN A 34 -15.41 -0.33 4.55
C GLN A 34 -13.94 0.13 4.47
N ALA A 35 -13.20 -0.40 3.51
CA ALA A 35 -11.76 -0.07 3.39
C ALA A 35 -11.58 1.40 3.02
N MET A 36 -12.42 1.89 2.11
CA MET A 36 -12.38 3.33 1.78
C MET A 36 -12.75 4.19 2.97
N ARG A 37 -13.79 3.81 3.70
CA ARG A 37 -14.21 4.58 4.87
C ARG A 37 -13.12 4.58 5.96
N HIS A 38 -12.33 3.50 6.05
CA HIS A 38 -11.22 3.44 7.03
C HIS A 38 -10.17 4.50 6.70
N TRP A 39 -9.76 4.57 5.43
CA TRP A 39 -8.85 5.61 5.01
C TRP A 39 -9.43 7.00 5.29
N GLU A 40 -10.73 7.18 5.04
CA GLU A 40 -11.37 8.49 5.21
C GLU A 40 -11.48 8.88 6.68
N LYS A 41 -11.62 7.90 7.56
CA LYS A 41 -11.71 8.14 9.00
C LYS A 41 -10.44 8.77 9.52
N HIS A 42 -9.31 8.28 9.03
CA HIS A 42 -8.02 8.63 9.60
C HIS A 42 -7.23 9.68 8.85
N THR A 43 -7.60 9.95 7.60
CA THR A 43 -6.86 10.90 6.77
C THR A 43 -7.83 11.75 5.99
N CYS A 44 -7.30 12.76 5.29
CA CYS A 44 -8.12 13.66 4.51
C CYS A 44 -8.42 13.20 3.09
N VAL A 45 -8.00 11.98 2.74
CA VAL A 45 -8.34 11.39 1.47
CA VAL A 45 -8.38 11.49 1.42
C VAL A 45 -9.87 11.18 1.43
N THR A 46 -10.49 11.41 0.28
CA THR A 46 -11.91 11.09 0.12
C THR A 46 -12.13 10.30 -1.14
N PHE A 47 -13.05 9.36 -1.09
CA PHE A 47 -13.36 8.55 -2.24
C PHE A 47 -14.72 8.97 -2.76
N LEU A 48 -14.79 9.25 -4.06
CA LEU A 48 -15.96 9.87 -4.66
C LEU A 48 -16.48 8.97 -5.79
N GLU A 49 -17.78 8.64 -5.80
CA GLU A 49 -18.31 7.85 -6.91
C GLU A 49 -18.01 8.61 -8.19
N ARG A 50 -17.35 7.94 -9.12
CA ARG A 50 -16.92 8.61 -10.35
C ARG A 50 -18.11 9.00 -11.21
N THR A 51 -18.04 10.22 -11.77
CA THR A 51 -19.04 10.67 -12.73
C THR A 51 -18.36 10.82 -14.10
N ASP A 52 -17.59 11.89 -14.29
CA ASP A 52 -16.96 12.11 -15.59
C ASP A 52 -15.45 12.30 -15.51
N GLU A 53 -14.86 12.03 -14.35
CA GLU A 53 -13.40 12.19 -14.18
C GLU A 53 -12.64 11.27 -15.11
N ASP A 54 -11.58 11.79 -15.72
CA ASP A 54 -10.79 10.98 -16.62
C ASP A 54 -9.97 9.91 -15.88
N SER A 55 -9.49 10.25 -14.70
CA SER A 55 -8.62 9.38 -13.91
C SER A 55 -9.34 9.00 -12.62
N TYR A 56 -9.34 7.70 -12.34
CA TYR A 56 -10.13 7.11 -11.25
C TYR A 56 -9.64 5.70 -11.01
N ILE A 57 -10.01 5.16 -9.86
CA ILE A 57 -9.67 3.77 -9.57
C ILE A 57 -10.87 2.86 -9.84
N VAL A 58 -10.56 1.62 -10.22
CA VAL A 58 -11.61 0.64 -10.51
C VAL A 58 -11.34 -0.64 -9.73
N PHE A 59 -12.24 -0.99 -8.80
CA PHE A 59 -12.16 -2.30 -8.13
C PHE A 59 -12.57 -3.32 -9.17
N THR A 60 -11.62 -4.17 -9.58
CA THR A 60 -11.73 -4.97 -10.81
C THR A 60 -11.60 -6.44 -10.49
N TYR A 61 -12.57 -7.23 -10.90
CA TYR A 61 -12.49 -8.67 -10.73
C TYR A 61 -11.44 -9.21 -11.71
N ARG A 62 -10.36 -9.73 -11.13
CA ARG A 62 -9.16 -10.11 -11.88
C ARG A 62 -8.33 -11.01 -10.95
N PRO A 63 -7.35 -11.76 -11.50
CA PRO A 63 -6.50 -12.55 -10.61
C PRO A 63 -5.70 -11.67 -9.65
N CYS A 64 -5.49 -12.18 -8.44
CA CYS A 64 -4.63 -11.52 -7.46
C CYS A 64 -3.20 -11.52 -7.98
N GLY A 65 -2.46 -10.46 -7.65
CA GLY A 65 -1.06 -10.38 -8.02
C GLY A 65 -0.66 -8.95 -8.26
N SER A 68 -0.60 -3.06 -8.28
CA SER A 68 -1.40 -1.83 -8.30
C SER A 68 -0.46 -0.68 -8.57
N TYR A 69 -0.89 0.24 -9.40
CA TYR A 69 -0.11 1.43 -9.63
C TYR A 69 -0.03 2.23 -8.31
N VAL A 70 1.10 2.89 -8.08
CA VAL A 70 1.28 3.66 -6.87
C VAL A 70 0.99 5.13 -7.14
N GLY A 71 0.00 5.67 -6.45
CA GLY A 71 -0.43 7.03 -6.72
C GLY A 71 -1.33 7.13 -7.93
N ARG A 72 -1.58 8.37 -8.34
CA ARG A 72 -2.47 8.64 -9.45
C ARG A 72 -1.72 8.49 -10.77
N ARG A 73 -2.12 7.53 -11.61
CA ARG A 73 -1.41 7.34 -12.88
C ARG A 73 -1.70 8.46 -13.85
N GLY A 74 -2.96 8.89 -13.88
CA GLY A 74 -3.37 9.93 -14.84
C GLY A 74 -3.63 9.34 -16.21
N GLY A 75 -4.32 10.11 -17.05
CA GLY A 75 -4.63 9.68 -18.42
C GLY A 75 -5.65 8.57 -18.56
N GLY A 76 -6.40 8.27 -17.49
CA GLY A 76 -7.38 7.19 -17.56
C GLY A 76 -7.51 6.41 -16.28
N PRO A 77 -8.34 5.36 -16.29
CA PRO A 77 -8.56 4.56 -15.09
C PRO A 77 -7.33 3.74 -14.69
N GLN A 78 -7.29 3.33 -13.42
CA GLN A 78 -6.28 2.38 -12.96
C GLN A 78 -7.00 1.34 -12.12
N ALA A 79 -6.62 0.08 -12.30
CA ALA A 79 -7.33 -1.05 -11.69
C ALA A 79 -6.72 -1.48 -10.38
N ILE A 80 -7.58 -1.84 -9.43
CA ILE A 80 -7.14 -2.62 -8.27
C ILE A 80 -7.66 -4.03 -8.51
N SER A 81 -6.76 -4.98 -8.65
CA SER A 81 -7.15 -6.36 -8.96
C SER A 81 -7.62 -7.08 -7.72
N ILE A 82 -8.87 -7.52 -7.73
CA ILE A 82 -9.47 -8.23 -6.60
C ILE A 82 -10.04 -9.58 -7.00
N GLY A 83 -9.50 -10.69 -6.22
CA GLY A 83 -10.09 -12.04 -6.37
C GLY A 83 -10.35 -12.59 -5.00
N LYS A 84 -10.94 -13.79 -4.95
CA LYS A 84 -11.25 -14.46 -3.69
C LYS A 84 -10.05 -14.65 -2.76
N ASN A 85 -8.84 -14.63 -3.30
CA ASN A 85 -7.66 -14.78 -2.43
C ASN A 85 -7.08 -13.46 -1.92
N CYS A 86 -7.70 -12.35 -2.30
CA CYS A 86 -7.18 -11.03 -1.94
C CYS A 86 -8.29 -9.99 -1.85
N ASP A 87 -9.38 -10.36 -1.16
CA ASP A 87 -10.55 -9.49 -1.02
C ASP A 87 -10.87 -9.08 0.40
N LYS A 88 -10.07 -9.48 1.37
CA LYS A 88 -10.33 -9.09 2.76
C LYS A 88 -10.05 -7.61 2.99
N PHE A 89 -10.72 -7.06 3.99
CA PHE A 89 -10.58 -5.65 4.38
C PHE A 89 -9.13 -5.18 4.42
N GLY A 90 -8.25 -5.90 5.13
CA GLY A 90 -6.91 -5.38 5.35
C GLY A 90 -6.09 -5.41 4.08
N ILE A 91 -6.37 -6.37 3.20
CA ILE A 91 -5.71 -6.45 1.90
C ILE A 91 -6.17 -5.29 1.03
N VAL A 92 -7.46 -4.99 1.06
CA VAL A 92 -7.96 -3.85 0.29
C VAL A 92 -7.39 -2.54 0.85
N VAL A 93 -7.27 -2.43 2.16
CA VAL A 93 -6.66 -1.24 2.76
C VAL A 93 -5.22 -1.07 2.28
N HIS A 94 -4.48 -2.17 2.22
CA HIS A 94 -3.13 -2.16 1.65
C HIS A 94 -3.11 -1.70 0.18
N GLU A 95 -4.01 -2.25 -0.63
CA GLU A 95 -4.06 -1.83 -2.03
C GLU A 95 -4.40 -0.35 -2.15
N LEU A 96 -5.31 0.12 -1.30
CA LEU A 96 -5.61 1.56 -1.30
C LEU A 96 -4.42 2.39 -0.84
N GLY A 97 -3.53 1.81 -0.01
CA GLY A 97 -2.28 2.48 0.34
C GLY A 97 -1.44 2.70 -0.93
N HIS A 98 -1.38 1.70 -1.82
CA HIS A 98 -0.70 1.91 -3.11
C HIS A 98 -1.40 3.03 -3.87
N VAL A 99 -2.73 2.99 -3.95
CA VAL A 99 -3.43 4.04 -4.68
C VAL A 99 -3.09 5.46 -4.18
N VAL A 100 -3.07 5.62 -2.85
CA VAL A 100 -2.80 6.89 -2.19
CA VAL A 100 -2.82 6.97 -2.35
C VAL A 100 -1.37 7.43 -2.52
N GLY A 101 -0.44 6.49 -2.75
CA GLY A 101 0.95 6.91 -3.06
C GLY A 101 2.05 6.19 -2.31
N PHE A 102 1.79 5.02 -1.71
CA PHE A 102 2.83 4.31 -0.97
C PHE A 102 3.31 3.09 -1.72
N TRP A 103 4.62 2.95 -1.85
CA TRP A 103 5.24 1.68 -2.24
C TRP A 103 5.35 0.79 -0.98
N HIS A 104 5.88 -0.42 -1.15
CA HIS A 104 6.08 -1.27 0.03
C HIS A 104 7.09 -0.69 1.01
N GLU A 105 6.81 -0.82 2.32
CA GLU A 105 7.71 -0.21 3.32
C GLU A 105 9.17 -0.67 3.18
N HIS A 106 9.36 -1.95 2.87
CA HIS A 106 10.73 -2.48 2.79
C HIS A 106 11.54 -1.94 1.62
N THR A 107 10.88 -1.19 0.73
CA THR A 107 11.57 -0.61 -0.41
C THR A 107 12.01 0.84 -0.16
N ARG A 108 11.78 1.36 1.03
CA ARG A 108 12.31 2.67 1.37
C ARG A 108 13.81 2.72 1.04
N PRO A 109 14.30 3.86 0.53
CA PRO A 109 15.73 3.97 0.29
C PRO A 109 16.62 3.78 1.53
N ASP A 110 16.07 4.04 2.72
CA ASP A 110 16.82 3.84 3.97
C ASP A 110 16.55 2.48 4.63
N ARG A 111 15.94 1.56 3.90
CA ARG A 111 15.49 0.32 4.53
C ARG A 111 16.62 -0.53 5.14
N ASP A 112 17.85 -0.40 4.61
CA ASP A 112 18.95 -1.22 5.14
C ASP A 112 19.36 -0.81 6.55
N ARG A 113 18.85 0.33 7.04
CA ARG A 113 19.06 0.74 8.43
C ARG A 113 18.09 0.01 9.36
N HIS A 114 17.14 -0.73 8.79
CA HIS A 114 16.02 -1.26 9.57
C HIS A 114 15.76 -2.72 9.40
N VAL A 115 15.93 -3.24 8.18
CA VAL A 115 15.73 -4.67 7.95
C VAL A 115 16.87 -5.26 7.14
N SER A 116 17.09 -6.55 7.37
CA SER A 116 17.97 -7.36 6.52
CA SER A 116 17.96 -7.33 6.52
C SER A 116 17.12 -8.09 5.51
N ILE A 117 17.55 -8.10 4.26
CA ILE A 117 16.92 -8.94 3.23
C ILE A 117 17.77 -10.22 3.18
N VAL A 118 17.14 -11.37 3.45
CA VAL A 118 17.90 -12.62 3.61
C VAL A 118 17.93 -13.32 2.25
N ARG A 119 18.95 -13.00 1.48
CA ARG A 119 18.97 -13.42 0.08
C ARG A 119 19.00 -14.93 -0.10
N GLU A 120 19.59 -15.62 0.87
CA GLU A 120 19.68 -17.09 0.83
C GLU A 120 18.30 -17.74 0.85
N ASN A 121 17.28 -17.00 1.31
CA ASN A 121 15.94 -17.57 1.46
C ASN A 121 14.91 -17.14 0.41
N ILE A 122 15.29 -16.25 -0.51
CA ILE A 122 14.32 -15.75 -1.51
C ILE A 122 14.12 -16.81 -2.60
N GLN A 123 12.87 -17.11 -2.93
CA GLN A 123 12.55 -18.03 -4.04
C GLN A 123 13.30 -17.56 -5.30
N PRO A 124 14.04 -18.45 -5.98
CA PRO A 124 14.72 -18.03 -7.19
C PRO A 124 13.77 -17.38 -8.20
N GLY A 125 14.18 -16.21 -8.71
CA GLY A 125 13.36 -15.47 -9.67
C GLY A 125 12.42 -14.45 -9.04
N GLN A 126 12.37 -14.40 -7.70
CA GLN A 126 11.49 -13.44 -6.98
C GLN A 126 12.29 -12.32 -6.29
N GLU A 127 13.57 -12.24 -6.59
CA GLU A 127 14.45 -11.26 -5.94
C GLU A 127 14.02 -9.81 -6.22
N TYR A 128 13.47 -9.57 -7.39
CA TYR A 128 13.06 -8.22 -7.78
C TYR A 128 12.06 -7.62 -6.79
N ASN A 129 11.31 -8.45 -6.08
CA ASN A 129 10.34 -7.92 -5.13
C ASN A 129 10.97 -7.18 -3.97
N PHE A 130 12.27 -7.37 -3.79
CA PHE A 130 12.98 -6.81 -2.66
C PHE A 130 13.84 -5.60 -3.03
N LEU A 131 13.80 -5.16 -4.27
CA LEU A 131 14.56 -4.00 -4.69
C LEU A 131 14.09 -2.73 -3.96
N LYS A 132 15.07 -1.92 -3.55
CA LYS A 132 14.78 -0.59 -2.99
C LYS A 132 14.35 0.37 -4.09
N MET A 133 13.49 1.31 -3.74
CA MET A 133 13.24 2.47 -4.59
C MET A 133 14.48 3.34 -4.60
N GLU A 134 14.73 3.98 -5.75
CA GLU A 134 15.80 4.98 -5.82
C GLU A 134 15.47 6.15 -4.89
N PRO A 135 16.51 6.83 -4.35
CA PRO A 135 16.22 7.90 -3.39
C PRO A 135 15.39 9.06 -3.97
N GLN A 136 15.47 9.26 -5.28
CA GLN A 136 14.67 10.30 -5.94
C GLN A 136 13.20 9.94 -6.09
N GLU A 137 12.85 8.69 -5.80
CA GLU A 137 11.46 8.23 -6.00
C GLU A 137 10.62 8.27 -4.73
N VAL A 138 11.27 8.41 -3.59
CA VAL A 138 10.59 8.35 -2.29
C VAL A 138 11.02 9.54 -1.45
N GLU A 139 10.04 10.17 -0.80
CA GLU A 139 10.30 11.22 0.18
C GLU A 139 9.50 10.80 1.41
N SER A 140 10.20 10.37 2.46
CA SER A 140 9.51 9.79 3.63
C SER A 140 8.91 10.81 4.57
N LEU A 141 9.13 12.09 4.30
CA LEU A 141 8.41 13.16 5.01
C LEU A 141 8.82 13.24 6.49
N GLY A 142 10.03 12.79 6.79
CA GLY A 142 10.59 12.86 8.13
C GLY A 142 10.04 11.79 9.05
N GLU A 143 9.30 10.81 8.50
CA GLU A 143 8.70 9.72 9.27
C GLU A 143 9.62 8.50 9.22
N THR A 144 9.88 7.89 10.37
CA THR A 144 10.80 6.77 10.39
C THR A 144 10.17 5.51 9.83
N TYR A 145 11.03 4.55 9.56
CA TYR A 145 10.64 3.25 9.06
C TYR A 145 9.62 2.59 9.98
N ASP A 146 8.50 2.12 9.41
CA ASP A 146 7.35 1.66 10.22
C ASP A 146 7.16 0.16 10.06
N PHE A 147 7.66 -0.62 11.02
CA PHE A 147 7.48 -2.06 10.98
C PHE A 147 6.01 -2.46 11.01
N ASP A 148 5.18 -1.61 11.61
CA ASP A 148 3.77 -1.95 11.73
CA ASP A 148 3.75 -1.89 11.76
C ASP A 148 2.93 -1.49 10.54
N SER A 149 3.57 -0.95 9.50
CA SER A 149 2.80 -0.45 8.37
C SER A 149 1.96 -1.53 7.71
N ILE A 150 0.77 -1.14 7.28
CA ILE A 150 -0.04 -1.99 6.43
C ILE A 150 0.66 -2.30 5.10
N MET A 151 1.72 -1.54 4.78
CA MET A 151 2.48 -1.73 3.55
C MET A 151 3.74 -2.58 3.75
N HIS A 152 3.93 -3.14 4.96
CA HIS A 152 5.12 -3.93 5.23
C HIS A 152 4.86 -5.41 4.93
N TYR A 153 5.77 -6.04 4.18
CA TYR A 153 5.69 -7.49 3.94
C TYR A 153 5.81 -8.25 5.26
N ALA A 154 5.24 -9.44 5.27
CA ALA A 154 5.49 -10.40 6.35
C ALA A 154 6.92 -10.93 6.26
N ARG A 155 7.35 -11.63 7.31
CA ARG A 155 8.73 -12.06 7.49
C ARG A 155 9.18 -13.10 6.46
N ASN A 156 8.24 -13.82 5.84
CA ASN A 156 8.60 -14.96 4.97
C ASN A 156 7.97 -14.81 3.60
N THR A 157 7.69 -13.58 3.18
CA THR A 157 7.13 -13.34 1.85
CA THR A 157 7.14 -13.37 1.83
C THR A 157 8.16 -13.78 0.79
N PHE A 158 7.72 -14.52 -0.22
CA PHE A 158 8.56 -15.02 -1.31
C PHE A 158 9.71 -15.90 -0.83
N SER A 159 9.49 -16.60 0.30
CA SER A 159 10.51 -17.47 0.86
C SER A 159 10.49 -18.87 0.26
N ARG A 160 11.65 -19.51 0.27
CA ARG A 160 11.78 -20.92 -0.05
C ARG A 160 11.22 -21.85 1.02
N GLY A 161 10.97 -21.36 2.23
CA GLY A 161 10.45 -22.20 3.32
C GLY A 161 9.61 -21.35 4.24
N ILE A 162 8.49 -21.93 4.90
CA ILE A 162 7.61 -21.18 5.79
C ILE A 162 8.38 -20.59 6.99
N PHE A 163 9.42 -21.29 7.47
CA PHE A 163 10.17 -20.83 8.64
C PHE A 163 11.51 -20.22 8.28
N LEU A 164 11.69 -19.90 7.01
CA LEU A 164 12.89 -19.24 6.50
C LEU A 164 12.56 -17.78 6.21
N ASP A 165 13.05 -16.88 7.05
CA ASP A 165 12.68 -15.47 6.90
C ASP A 165 13.39 -14.86 5.69
N THR A 166 12.69 -14.04 4.93
CA THR A 166 13.32 -13.23 3.89
C THR A 166 13.53 -11.78 4.34
N ILE A 167 12.84 -11.34 5.41
CA ILE A 167 13.04 -10.00 5.93
C ILE A 167 13.14 -10.12 7.45
N VAL A 168 14.20 -9.53 8.01
CA VAL A 168 14.45 -9.65 9.46
C VAL A 168 14.78 -8.25 10.00
N PRO A 169 13.96 -7.73 10.93
CA PRO A 169 14.32 -6.44 11.53
C PRO A 169 15.71 -6.49 12.16
N LYS A 170 16.43 -5.38 12.08
CA LYS A 170 17.84 -5.35 12.50
C LYS A 170 18.08 -5.03 13.95
N TYR A 171 17.02 -4.67 14.68
CA TYR A 171 17.17 -4.31 16.10
C TYR A 171 15.87 -4.61 16.80
N GLU A 172 15.91 -4.57 18.14
CA GLU A 172 14.74 -4.89 18.96
C GLU A 172 13.91 -3.67 19.37
N LYS A 177 12.39 -8.42 18.36
CA LYS A 177 12.23 -7.88 17.01
C LYS A 177 10.78 -7.44 16.78
N PRO A 178 10.49 -6.35 16.25
CA PRO A 178 9.12 -5.89 15.96
C PRO A 178 8.42 -6.84 14.97
N PRO A 179 7.16 -7.15 15.21
CA PRO A 179 6.42 -7.98 14.24
C PRO A 179 6.17 -7.18 12.96
N ILE A 180 6.18 -7.88 11.84
CA ILE A 180 5.93 -7.27 10.55
C ILE A 180 4.85 -8.03 9.75
N GLY A 181 4.11 -7.31 8.92
CA GLY A 181 3.18 -7.95 8.01
C GLY A 181 1.72 -7.88 8.42
N GLN A 182 1.37 -7.05 9.40
CA GLN A 182 -0.05 -6.99 9.81
C GLN A 182 -0.95 -6.49 8.66
N ARG A 183 -2.14 -7.08 8.56
CA ARG A 183 -3.13 -6.68 7.58
C ARG A 183 -4.49 -6.53 8.25
N THR A 184 -4.42 -5.74 9.46
CA THR A 184 -5.69 -5.55 10.18
CA THR A 184 -5.62 -5.54 10.26
C THR A 184 -6.21 -4.14 10.05
N ARG A 185 -5.32 -3.14 10.08
CA ARG A 185 -5.77 -1.74 10.04
C ARG A 185 -4.57 -0.86 9.71
N LEU A 186 -4.83 0.38 9.33
CA LEU A 186 -3.74 1.34 9.17
C LEU A 186 -2.94 1.52 10.45
N SER A 187 -1.61 1.57 10.35
CA SER A 187 -0.81 1.84 11.54
C SER A 187 -0.80 3.34 11.85
N LYS A 188 -0.37 3.66 13.06
CA LYS A 188 -0.15 5.06 13.42
C LYS A 188 0.79 5.76 12.43
N GLY A 189 1.84 5.05 12.04
CA GLY A 189 2.78 5.61 11.08
C GLY A 189 2.21 5.81 9.71
N ASP A 190 1.41 4.86 9.23
CA ASP A 190 0.72 5.02 7.95
C ASP A 190 -0.09 6.30 7.93
N ILE A 191 -0.86 6.48 9.01
CA ILE A 191 -1.75 7.61 9.09
C ILE A 191 -0.92 8.89 9.11
N ALA A 192 0.08 8.94 9.98
CA ALA A 192 0.88 10.15 10.15
C ALA A 192 1.53 10.56 8.83
N GLN A 193 2.02 9.56 8.11
CA GLN A 193 2.69 9.84 6.88
C GLN A 193 1.71 10.23 5.75
N ALA A 194 0.55 9.57 5.68
CA ALA A 194 -0.45 9.94 4.69
C ALA A 194 -0.92 11.39 4.89
N ARG A 195 -1.10 11.78 6.16
CA ARG A 195 -1.47 13.15 6.48
C ARG A 195 -0.46 14.16 5.97
N LYS A 196 0.82 13.84 6.10
CA LYS A 196 1.84 14.75 5.59
C LYS A 196 1.84 14.78 4.06
N LEU A 197 1.71 13.61 3.45
CA LEU A 197 1.74 13.54 1.98
C LEU A 197 0.62 14.37 1.35
N TYR A 198 -0.56 14.32 1.97
CA TYR A 198 -1.75 15.03 1.48
C TYR A 198 -1.97 16.40 2.14
N LYS A 199 -1.00 16.84 2.94
CA LYS A 199 -1.05 18.17 3.56
C LYS A 199 -2.38 18.36 4.32
N CYS A 200 -2.77 17.29 5.08
CA CYS A 200 -4.10 17.29 5.70
C CYS A 200 -4.22 18.34 6.80
N PRO A 201 -5.36 19.04 6.83
CA PRO A 201 -5.59 19.96 7.94
C PRO A 201 -5.55 19.24 9.30
N ALA A 202 -5.10 19.93 10.34
CA ALA A 202 -5.01 19.33 11.67
C ALA A 202 -5.15 20.37 12.76
C ACE B . 7.77 5.24 3.50
O ACE B . 7.51 5.05 4.66
CH3 ACE B . 8.45 6.41 3.05
ZN ZN C . 1.43 -4.29 -2.14
ZN ZN D . 5.83 4.30 6.02
#